data_3CSV
#
_entry.id   3CSV
#
_cell.length_a   113.680
_cell.length_b   55.940
_cell.length_c   61.220
_cell.angle_alpha   90.000
_cell.angle_beta   102.900
_cell.angle_gamma   90.000
#
_symmetry.space_group_name_H-M   'C 1 2 1'
#
loop_
_entity.id
_entity.type
_entity.pdbx_description
1 polymer 'Aminoglycoside phosphotransferase'
2 non-polymer 'ZINC ION'
3 non-polymer 'SODIUM ION'
4 non-polymer 'CHLORIDE ION'
5 non-polymer 'SULFATE ION'
6 non-polymer 1,2-ETHANEDIOL
7 water water
#
_entity_poly.entity_id   1
_entity_poly.type   'polypeptide(L)'
_entity_poly.pdbx_seq_one_letter_code
;G(MSE)TSREDEIRDFLATHGYADWNRTPLAGDASSRRYQRLRSPTGAKAVL(MSE)DWSPEEGGDTQPFVDLAQYLRNL
DISAPEIYAEEHARGLLLIEDLGDALFTEVINNDPAQE(MSE)PLYRAAVDLLIHLHDAQTPELARLDPETLSE(MSE)T
RLAFSEYRYAILGDAAEDNRKRFEHRFAQILSAQLEGD(MSE)VFVHRDFHAQNLLWLPEREGLARVGVIDFQDAKLGHR
AYDLVSLLQDARRDVPAQVEAQ(MSE)IDHYIQATGVDESHFRSAYAVIAVQRN(MSE)RILGIFARLSQRFGKRHYIEF
VPRVWAHFERGLAHPALASAAEEILNALPAPAPEVLERLRA
;
_entity_poly.pdbx_strand_id   A
#
# COMPACT_ATOMS: atom_id res chain seq x y z
N SER A 4 25.61 -13.86 -18.95
CA SER A 4 24.46 -14.15 -18.04
C SER A 4 24.17 -12.98 -17.11
N ARG A 5 23.04 -13.08 -16.43
CA ARG A 5 22.62 -12.06 -15.49
C ARG A 5 23.51 -12.13 -14.25
N GLU A 6 23.92 -13.34 -13.89
CA GLU A 6 24.84 -13.54 -12.78
C GLU A 6 26.17 -12.83 -13.05
N ASP A 7 26.68 -12.95 -14.28
CA ASP A 7 27.90 -12.23 -14.69
C ASP A 7 27.73 -10.71 -14.57
N GLU A 8 26.57 -10.19 -14.96
CA GLU A 8 26.29 -8.76 -14.82
C GLU A 8 26.27 -8.34 -13.35
N ILE A 9 25.60 -9.13 -12.52
CA ILE A 9 25.52 -8.85 -11.11
C ILE A 9 26.92 -8.81 -10.51
N ARG A 10 27.74 -9.82 -10.84
CA ARG A 10 29.09 -9.91 -10.31
C ARG A 10 29.98 -8.76 -10.79
N ASP A 11 29.75 -8.29 -12.01
CA ASP A 11 30.48 -7.14 -12.59
C ASP A 11 30.07 -5.84 -11.89
N PHE A 12 28.77 -5.67 -11.69
CA PHE A 12 28.22 -4.53 -10.94
C PHE A 12 28.78 -4.44 -9.50
N LEU A 13 28.74 -5.55 -8.78
CA LEU A 13 29.33 -5.62 -7.43
C LEU A 13 30.84 -5.36 -7.40
N ALA A 14 31.60 -5.96 -8.33
CA ALA A 14 33.05 -5.76 -8.42
C ALA A 14 33.41 -4.30 -8.72
N THR A 15 32.74 -3.75 -9.73
CA THR A 15 32.91 -2.36 -10.10
C THR A 15 32.78 -1.37 -8.93
N HIS A 16 31.84 -1.63 -8.03
CA HIS A 16 31.55 -0.69 -6.97
C HIS A 16 32.16 -1.08 -5.63
N GLY A 17 33.04 -2.08 -5.63
CA GLY A 17 33.78 -2.47 -4.44
C GLY A 17 33.15 -3.52 -3.52
N TYR A 18 32.26 -4.36 -4.09
CA TYR A 18 31.52 -5.36 -3.32
C TYR A 18 31.76 -6.79 -3.81
N ALA A 19 32.88 -7.01 -4.50
CA ALA A 19 33.18 -8.28 -5.16
C ALA A 19 33.22 -9.45 -4.17
N ASP A 20 33.74 -9.21 -2.96
CA ASP A 20 33.82 -10.25 -1.93
C ASP A 20 32.52 -10.45 -1.11
N TRP A 21 31.44 -9.76 -1.47
CA TRP A 21 30.17 -9.94 -0.77
C TRP A 21 29.45 -11.12 -1.38
N ASN A 22 28.75 -11.86 -0.54
CA ASN A 22 28.11 -13.10 -0.92
C ASN A 22 26.62 -13.00 -0.76
N ARG A 23 25.88 -13.66 -1.64
CA ARG A 23 24.42 -13.73 -1.52
C ARG A 23 24.06 -14.77 -0.47
N THR A 24 23.13 -14.44 0.42
CA THR A 24 22.64 -15.37 1.45
C THR A 24 21.13 -15.55 1.35
N PRO A 25 20.69 -16.39 0.37
CA PRO A 25 19.27 -16.71 0.20
C PRO A 25 18.81 -17.84 1.12
N ARG A 34 15.67 -9.08 -7.09
CA ARG A 34 14.52 -8.26 -6.73
C ARG A 34 14.68 -7.75 -5.29
N TYR A 35 15.17 -8.62 -4.42
CA TYR A 35 15.54 -8.24 -3.07
C TYR A 35 16.42 -9.36 -2.51
N GLN A 36 17.60 -9.49 -3.09
CA GLN A 36 18.55 -10.50 -2.71
C GLN A 36 19.42 -9.99 -1.57
N ARG A 37 19.46 -10.76 -0.49
CA ARG A 37 20.23 -10.45 0.69
C ARG A 37 21.70 -10.70 0.33
N LEU A 38 22.57 -9.71 0.59
CA LEU A 38 24.03 -9.87 0.46
C LEU A 38 24.71 -9.57 1.79
N ARG A 39 25.78 -10.31 2.09
CA ARG A 39 26.52 -10.14 3.32
C ARG A 39 28.03 -10.04 3.03
N SER A 40 28.69 -9.10 3.68
CA SER A 40 30.14 -8.97 3.56
C SER A 40 30.83 -10.12 4.27
N PRO A 41 32.14 -10.28 4.03
CA PRO A 41 32.87 -11.34 4.74
C PRO A 41 32.84 -11.21 6.27
N THR A 42 32.59 -10.00 6.79
CA THR A 42 32.46 -9.80 8.23
C THR A 42 31.02 -9.52 8.68
N GLY A 43 30.04 -9.75 7.81
CA GLY A 43 28.63 -9.70 8.20
C GLY A 43 27.90 -8.37 8.01
N ALA A 44 28.56 -7.38 7.42
CA ALA A 44 27.87 -6.19 6.95
C ALA A 44 26.77 -6.59 5.97
N LYS A 45 25.72 -5.79 5.94
CA LYS A 45 24.47 -6.12 5.24
C LYS A 45 24.16 -5.16 4.11
N ALA A 46 23.57 -5.69 3.05
CA ALA A 46 23.03 -4.89 1.96
C ALA A 46 22.01 -5.73 1.22
N VAL A 47 21.29 -5.09 0.30
CA VAL A 47 20.29 -5.78 -0.51
C VAL A 47 20.47 -5.44 -1.98
N LEU A 48 20.61 -6.47 -2.82
CA LEU A 48 20.71 -6.27 -4.26
C LEU A 48 19.30 -6.25 -4.87
N ASP A 50 17.47 -6.49 -8.47
CA ASP A 50 17.66 -6.96 -9.82
C ASP A 50 16.32 -6.76 -10.57
N TRP A 51 16.20 -5.64 -11.27
CA TRP A 51 14.98 -5.29 -12.01
C TRP A 51 15.39 -4.82 -13.40
N SER A 52 15.66 -5.79 -14.28
CA SER A 52 16.27 -5.48 -15.57
C SER A 52 15.37 -4.67 -16.49
N PRO A 53 15.98 -3.78 -17.31
CA PRO A 53 15.22 -3.01 -18.30
C PRO A 53 14.63 -3.91 -19.38
N GLU A 54 15.46 -4.76 -19.97
CA GLU A 54 15.03 -5.80 -20.91
C GLU A 54 13.77 -6.52 -20.42
N GLU A 55 13.63 -6.68 -19.10
CA GLU A 55 12.41 -7.21 -18.51
C GLU A 55 11.28 -6.19 -18.37
N GLY A 56 11.61 -4.90 -18.49
CA GLY A 56 10.64 -3.80 -18.33
C GLY A 56 10.75 -3.02 -17.01
N GLY A 57 11.76 -3.31 -16.20
CA GLY A 57 11.97 -2.63 -14.92
C GLY A 57 12.73 -1.31 -15.04
N ASP A 58 12.55 -0.43 -14.07
CA ASP A 58 13.25 0.87 -14.02
C ASP A 58 13.60 1.19 -12.56
N THR A 59 14.90 1.38 -12.30
CA THR A 59 15.37 1.64 -10.95
C THR A 59 15.27 3.13 -10.52
N GLN A 60 14.97 4.03 -11.44
CA GLN A 60 15.08 5.46 -11.15
C GLN A 60 14.01 5.96 -10.15
N PRO A 61 12.74 5.56 -10.31
CA PRO A 61 11.75 5.95 -9.31
C PRO A 61 12.07 5.49 -7.88
N PHE A 62 12.58 4.27 -7.72
CA PHE A 62 13.00 3.79 -6.40
C PHE A 62 14.08 4.71 -5.83
N VAL A 63 15.10 5.01 -6.64
CA VAL A 63 16.19 5.89 -6.24
C VAL A 63 15.66 7.29 -5.88
N ASP A 64 14.86 7.88 -6.76
CA ASP A 64 14.31 9.21 -6.53
C ASP A 64 13.48 9.29 -5.25
N LEU A 65 12.60 8.31 -5.06
CA LEU A 65 11.67 8.34 -3.92
C LEU A 65 12.34 7.96 -2.61
N ALA A 66 13.30 7.04 -2.67
CA ALA A 66 14.09 6.70 -1.47
C ALA A 66 14.88 7.91 -0.96
N GLN A 67 15.46 8.68 -1.89
CA GLN A 67 16.16 9.90 -1.55
C GLN A 67 15.18 10.90 -0.98
N TYR A 68 14.05 11.10 -1.64
CA TYR A 68 13.03 12.04 -1.15
C TYR A 68 12.60 11.74 0.29
N LEU A 69 12.34 10.47 0.58
CA LEU A 69 11.86 10.08 1.93
C LEU A 69 12.95 10.23 2.99
N ARG A 70 14.16 9.81 2.63
CA ARG A 70 15.32 10.00 3.48
C ARG A 70 15.69 11.45 3.73
N ASN A 71 15.47 12.33 2.76
CA ASN A 71 15.67 13.74 2.98
C ASN A 71 14.73 14.28 4.09
N LEU A 72 13.63 13.56 4.36
CA LEU A 72 12.70 13.88 5.44
C LEU A 72 12.96 13.12 6.76
N ASP A 73 14.10 12.42 6.82
CA ASP A 73 14.48 11.62 7.98
C ASP A 73 13.51 10.46 8.18
N ILE A 74 12.97 9.98 7.06
CA ILE A 74 12.17 8.77 7.04
C ILE A 74 13.10 7.63 6.59
N SER A 75 13.00 6.49 7.27
CA SER A 75 13.91 5.36 7.03
C SER A 75 13.51 4.51 5.84
N ALA A 76 13.58 5.11 4.66
CA ALA A 76 13.69 4.36 3.41
C ALA A 76 15.16 4.00 3.29
N PRO A 77 15.47 2.98 2.48
CA PRO A 77 16.86 2.53 2.36
C PRO A 77 17.78 3.52 1.64
N GLU A 78 18.98 3.72 2.17
CA GLU A 78 20.08 4.33 1.43
C GLU A 78 20.37 3.55 0.16
N ILE A 79 20.78 4.26 -0.88
CA ILE A 79 21.28 3.65 -2.10
C ILE A 79 22.81 3.63 -1.96
N TYR A 80 23.38 2.42 -1.99
CA TYR A 80 24.82 2.24 -1.90
C TYR A 80 25.54 2.26 -3.25
N ALA A 81 24.87 1.76 -4.29
CA ALA A 81 25.40 1.71 -5.65
C ALA A 81 24.24 1.59 -6.62
N GLU A 82 24.42 2.11 -7.83
CA GLU A 82 23.37 2.06 -8.83
C GLU A 82 23.92 1.84 -10.22
N GLU A 83 23.12 1.11 -10.99
CA GLU A 83 23.41 0.79 -12.37
C GLU A 83 22.07 0.84 -13.10
N HIS A 84 21.68 2.05 -13.49
CA HIS A 84 20.37 2.26 -14.11
C HIS A 84 20.19 1.49 -15.40
N ALA A 85 21.21 1.51 -16.26
CA ALA A 85 21.11 0.87 -17.58
C ALA A 85 20.87 -0.63 -17.50
N ARG A 86 21.52 -1.30 -16.54
CA ARG A 86 21.33 -2.75 -16.40
C ARG A 86 20.26 -3.10 -15.37
N GLY A 87 19.69 -2.09 -14.71
CA GLY A 87 18.59 -2.32 -13.76
C GLY A 87 19.02 -3.00 -12.49
N LEU A 88 20.14 -2.54 -11.91
CA LEU A 88 20.67 -3.09 -10.66
C LEU A 88 20.92 -1.99 -9.63
N LEU A 89 20.57 -2.25 -8.37
CA LEU A 89 20.92 -1.36 -7.28
C LEU A 89 21.41 -2.20 -6.12
N LEU A 90 22.27 -1.60 -5.30
CA LEU A 90 22.60 -2.11 -3.98
C LEU A 90 22.12 -1.09 -2.97
N ILE A 91 21.31 -1.53 -2.03
CA ILE A 91 20.64 -0.65 -1.08
C ILE A 91 20.83 -1.16 0.35
N GLU A 92 20.50 -0.29 1.29
CA GLU A 92 20.52 -0.60 2.70
C GLU A 92 19.57 -1.73 3.01
N ASP A 93 20.01 -2.60 3.91
CA ASP A 93 19.19 -3.68 4.43
C ASP A 93 18.52 -3.14 5.68
N LEU A 94 17.19 -3.10 5.66
CA LEU A 94 16.41 -2.54 6.75
C LEU A 94 15.92 -3.64 7.70
N GLY A 95 16.42 -4.84 7.50
CA GLY A 95 16.27 -5.91 8.47
C GLY A 95 15.08 -6.80 8.21
N ASP A 96 14.69 -7.54 9.25
CA ASP A 96 13.67 -8.59 9.13
C ASP A 96 12.52 -8.46 10.13
N ALA A 97 12.54 -7.40 10.92
CA ALA A 97 11.51 -7.17 11.92
C ALA A 97 10.29 -6.49 11.28
N LEU A 98 9.63 -7.22 10.39
CA LEU A 98 8.38 -6.79 9.79
C LEU A 98 7.35 -6.53 10.88
N PHE A 99 6.60 -5.44 10.77
CA PHE A 99 5.57 -5.11 11.77
C PHE A 99 4.65 -6.31 12.10
N THR A 100 4.28 -7.05 11.07
CA THR A 100 3.43 -8.21 11.20
C THR A 100 4.06 -9.29 12.09
N GLU A 101 5.36 -9.53 11.88
CA GLU A 101 6.10 -10.47 12.73
C GLU A 101 6.19 -9.98 14.18
N VAL A 102 6.48 -8.70 14.36
CA VAL A 102 6.60 -8.14 15.70
C VAL A 102 5.28 -8.29 16.45
N ILE A 103 4.17 -7.99 15.76
CA ILE A 103 2.85 -8.02 16.37
C ILE A 103 2.35 -9.45 16.59
N ASN A 104 2.62 -10.35 15.64
CA ASN A 104 2.34 -11.78 15.82
C ASN A 104 2.97 -12.31 17.11
N ASN A 105 4.23 -11.95 17.35
CA ASN A 105 4.95 -12.41 18.54
C ASN A 105 4.47 -11.74 19.81
N ASP A 106 4.17 -10.45 19.72
CA ASP A 106 3.72 -9.70 20.88
C ASP A 106 2.65 -8.70 20.49
N PRO A 107 1.37 -9.05 20.68
CA PRO A 107 0.22 -8.19 20.33
C PRO A 107 0.18 -6.83 21.03
N ALA A 108 0.82 -6.71 22.19
CA ALA A 108 0.93 -5.44 22.90
C ALA A 108 1.75 -4.38 22.15
N GLN A 109 2.43 -4.78 21.08
CA GLN A 109 3.20 -3.85 20.25
C GLN A 109 2.39 -3.20 19.15
N GLU A 110 1.16 -3.66 18.97
CA GLU A 110 0.33 -3.20 17.87
C GLU A 110 0.10 -1.70 17.95
N PRO A 112 1.63 0.77 19.84
CA PRO A 112 2.82 1.61 19.65
C PRO A 112 3.45 1.56 18.26
N LEU A 113 3.39 0.41 17.59
CA LEU A 113 3.91 0.32 16.21
C LEU A 113 3.00 1.09 15.24
N TYR A 114 1.69 1.02 15.42
CA TYR A 114 0.77 1.74 14.54
C TYR A 114 0.83 3.24 14.77
N ARG A 115 1.04 3.65 16.02
CA ARG A 115 1.27 5.06 16.34
C ARG A 115 2.52 5.60 15.66
N ALA A 116 3.60 4.81 15.67
CA ALA A 116 4.85 5.21 15.01
C ALA A 116 4.63 5.39 13.50
N ALA A 117 3.90 4.47 12.90
CA ALA A 117 3.58 4.54 11.47
C ALA A 117 2.70 5.75 11.15
N VAL A 118 1.76 6.06 12.04
CA VAL A 118 0.88 7.23 11.83
C VAL A 118 1.70 8.52 11.99
N ASP A 119 2.64 8.50 12.94
CA ASP A 119 3.60 9.58 13.10
C ASP A 119 4.48 9.80 11.86
N LEU A 120 4.84 8.72 11.16
CA LEU A 120 5.53 8.84 9.89
C LEU A 120 4.66 9.61 8.88
N LEU A 121 3.38 9.24 8.79
CA LEU A 121 2.46 9.87 7.83
C LEU A 121 2.22 11.35 8.13
N ILE A 122 2.03 11.64 9.41
CA ILE A 122 1.91 13.02 9.89
C ILE A 122 3.10 13.88 9.44
N HIS A 123 4.31 13.38 9.71
CA HIS A 123 5.52 14.04 9.29
C HIS A 123 5.59 14.17 7.76
N LEU A 124 5.36 13.05 7.07
CA LEU A 124 5.37 13.04 5.62
C LEU A 124 4.42 14.09 5.01
N HIS A 125 3.23 14.22 5.58
CA HIS A 125 2.17 15.08 5.02
C HIS A 125 2.42 16.56 5.22
N ASP A 126 3.37 16.88 6.09
CA ASP A 126 3.84 18.24 6.31
C ASP A 126 4.89 18.66 5.26
N ALA A 127 5.38 17.69 4.49
CA ALA A 127 6.47 17.91 3.54
C ALA A 127 6.04 18.59 2.23
N GLN A 128 6.97 19.33 1.64
CA GLN A 128 6.84 19.78 0.27
CA GLN A 128 6.83 19.77 0.26
C GLN A 128 6.82 18.55 -0.64
N THR A 129 5.85 18.47 -1.56
CA THR A 129 5.69 17.26 -2.38
C THR A 129 6.47 17.25 -3.68
N PRO A 130 6.81 16.05 -4.17
CA PRO A 130 7.41 15.92 -5.49
C PRO A 130 6.26 15.91 -6.49
N GLU A 131 6.59 15.99 -7.78
CA GLU A 131 5.57 15.95 -8.81
C GLU A 131 5.41 14.52 -9.29
N LEU A 132 4.41 13.86 -8.72
CA LEU A 132 4.05 12.51 -9.11
C LEU A 132 2.66 12.60 -9.69
N ALA A 133 2.25 11.56 -10.41
CA ALA A 133 0.90 11.48 -10.95
C ALA A 133 -0.10 11.57 -9.79
N ARG A 134 -1.22 12.24 -10.03
CA ARG A 134 -2.17 12.58 -9.00
C ARG A 134 -3.37 11.64 -9.02
N LEU A 135 -3.84 11.26 -7.83
CA LEU A 135 -5.05 10.45 -7.70
C LEU A 135 -6.25 11.39 -7.58
N ASP A 136 -6.59 12.02 -8.69
CA ASP A 136 -7.76 12.86 -8.80
C ASP A 136 -9.03 12.00 -8.66
N PRO A 137 -10.19 12.66 -8.41
CA PRO A 137 -11.47 11.95 -8.29
C PRO A 137 -11.80 10.99 -9.44
N GLU A 138 -11.63 11.41 -10.68
CA GLU A 138 -11.91 10.53 -11.82
C GLU A 138 -11.03 9.30 -11.79
N THR A 139 -9.74 9.47 -11.54
CA THR A 139 -8.79 8.36 -11.44
C THR A 139 -9.14 7.40 -10.29
N LEU A 140 -9.45 7.94 -9.12
CA LEU A 140 -9.87 7.10 -8.00
C LEU A 140 -11.13 6.29 -8.33
N SER A 141 -12.09 6.92 -9.00
CA SER A 141 -13.32 6.24 -9.39
C SER A 141 -13.07 5.06 -10.34
N GLU A 142 -12.31 5.31 -11.42
CA GLU A 142 -11.91 4.28 -12.39
C GLU A 142 -11.16 3.15 -11.75
N THR A 144 -11.64 1.80 -9.04
CA THR A 144 -12.57 0.84 -8.41
C THR A 144 -13.13 -0.20 -9.40
N ARG A 145 -12.80 -0.08 -10.69
CA ARG A 145 -13.43 -0.91 -11.74
C ARG A 145 -13.08 -2.40 -11.64
N LEU A 146 -11.94 -2.70 -11.03
CA LEU A 146 -11.57 -4.07 -10.69
C LEU A 146 -12.67 -4.82 -9.91
N ALA A 147 -13.47 -4.09 -9.12
CA ALA A 147 -14.63 -4.66 -8.45
C ALA A 147 -15.63 -5.30 -9.43
N PHE A 148 -15.70 -4.74 -10.64
CA PHE A 148 -16.55 -5.27 -11.68
C PHE A 148 -15.79 -6.24 -12.58
N SER A 149 -14.64 -5.81 -13.09
CA SER A 149 -13.94 -6.57 -14.12
C SER A 149 -13.21 -7.80 -13.55
N GLU A 150 -12.96 -7.80 -12.25
CA GLU A 150 -12.30 -8.97 -11.64
C GLU A 150 -13.19 -9.67 -10.63
N TYR A 151 -13.67 -8.96 -9.63
CA TYR A 151 -14.51 -9.59 -8.58
C TYR A 151 -15.87 -10.03 -9.12
N ARG A 152 -16.72 -9.08 -9.52
CA ARG A 152 -18.00 -9.46 -10.09
C ARG A 152 -17.85 -10.44 -11.26
N TYR A 153 -16.92 -10.16 -12.15
CA TYR A 153 -16.74 -10.99 -13.33
C TYR A 153 -16.40 -12.44 -12.94
N ALA A 154 -15.49 -12.61 -11.98
CA ALA A 154 -15.06 -13.95 -11.56
C ALA A 154 -16.24 -14.76 -10.98
N ILE A 155 -17.22 -14.05 -10.42
CA ILE A 155 -18.32 -14.67 -9.70
C ILE A 155 -19.53 -14.87 -10.62
N LEU A 156 -19.91 -13.82 -11.35
CA LEU A 156 -21.15 -13.87 -12.16
C LEU A 156 -20.96 -13.93 -13.67
N GLY A 157 -19.72 -13.76 -14.13
CA GLY A 157 -19.40 -13.93 -15.55
C GLY A 157 -19.59 -12.71 -16.41
N ASP A 158 -19.89 -11.57 -15.80
CA ASP A 158 -19.91 -10.31 -16.52
C ASP A 158 -19.57 -9.15 -15.61
N ALA A 159 -19.24 -8.04 -16.20
CA ALA A 159 -18.70 -6.89 -15.48
C ALA A 159 -19.75 -5.79 -15.25
N ALA A 160 -21.02 -6.07 -15.54
CA ALA A 160 -22.11 -5.12 -15.29
C ALA A 160 -21.73 -3.70 -15.75
N GLU A 161 -21.36 -3.59 -17.03
CA GLU A 161 -20.87 -2.34 -17.64
C GLU A 161 -21.73 -1.10 -17.34
N ASP A 162 -23.05 -1.27 -17.38
CA ASP A 162 -23.94 -0.15 -17.19
C ASP A 162 -24.01 0.32 -15.75
N ASN A 163 -24.10 -0.62 -14.81
CA ASN A 163 -24.01 -0.29 -13.40
C ASN A 163 -22.67 0.37 -13.09
N ARG A 164 -21.60 -0.12 -13.72
CA ARG A 164 -20.24 0.38 -13.43
C ARG A 164 -20.08 1.84 -13.84
N LYS A 165 -20.53 2.15 -15.07
CA LYS A 165 -20.47 3.49 -15.62
C LYS A 165 -21.27 4.49 -14.80
N ARG A 166 -22.45 4.07 -14.34
CA ARG A 166 -23.29 4.87 -13.46
C ARG A 166 -22.69 5.06 -12.07
N PHE A 167 -22.12 3.98 -11.53
CA PHE A 167 -21.45 4.10 -10.25
C PHE A 167 -20.24 5.01 -10.38
N GLU A 168 -19.41 4.79 -11.39
CA GLU A 168 -18.19 5.56 -11.52
C GLU A 168 -18.44 7.06 -11.65
N HIS A 169 -19.48 7.41 -12.41
CA HIS A 169 -19.89 8.79 -12.62
C HIS A 169 -20.33 9.45 -11.31
N ARG A 170 -21.21 8.78 -10.56
CA ARG A 170 -21.66 9.29 -9.27
C ARG A 170 -20.52 9.34 -8.25
N PHE A 171 -19.69 8.29 -8.23
CA PHE A 171 -18.66 8.17 -7.23
C PHE A 171 -17.56 9.21 -7.40
N ALA A 172 -17.20 9.52 -8.65
CA ALA A 172 -16.27 10.63 -8.92
C ALA A 172 -16.77 11.97 -8.37
N GLN A 173 -18.08 12.21 -8.49
CA GLN A 173 -18.71 13.41 -7.92
C GLN A 173 -18.62 13.42 -6.40
N ILE A 174 -18.93 12.28 -5.79
CA ILE A 174 -18.83 12.13 -4.34
C ILE A 174 -17.38 12.35 -3.86
N LEU A 175 -16.41 11.75 -4.56
CA LEU A 175 -14.98 11.90 -4.25
C LEU A 175 -14.58 13.37 -4.36
N SER A 176 -15.02 14.00 -5.44
CA SER A 176 -14.75 15.42 -5.65
C SER A 176 -15.33 16.31 -4.53
N ALA A 177 -16.51 15.95 -4.05
CA ALA A 177 -17.20 16.71 -3.00
C ALA A 177 -16.55 16.56 -1.61
N GLN A 178 -16.01 15.39 -1.31
CA GLN A 178 -15.54 15.06 0.03
C GLN A 178 -14.03 15.19 0.26
N LEU A 179 -13.25 15.18 -0.82
CA LEU A 179 -11.79 15.26 -0.71
C LEU A 179 -11.36 16.70 -0.98
N GLU A 180 -10.67 17.30 -0.02
CA GLU A 180 -10.17 18.66 -0.18
C GLU A 180 -8.78 18.78 0.43
N GLY A 181 -8.17 19.94 0.26
CA GLY A 181 -6.81 20.17 0.76
C GLY A 181 -5.80 19.75 -0.29
N ASP A 182 -4.57 20.19 -0.11
CA ASP A 182 -3.49 19.78 -1.02
C ASP A 182 -3.25 18.29 -0.92
N VAL A 184 -0.92 14.99 -0.87
CA VAL A 184 0.30 14.64 -0.16
C VAL A 184 0.93 13.46 -0.90
N PHE A 185 2.18 13.15 -0.56
CA PHE A 185 2.85 11.93 -1.00
C PHE A 185 2.05 10.72 -0.47
N VAL A 186 1.61 9.82 -1.37
CA VAL A 186 0.98 8.57 -0.95
C VAL A 186 1.76 7.35 -1.43
N HIS A 187 2.00 6.47 -0.49
CA HIS A 187 2.86 5.30 -0.66
C HIS A 187 2.10 4.26 -1.47
N ARG A 188 0.82 4.10 -1.16
CA ARG A 188 -0.10 3.23 -1.89
C ARG A 188 -0.16 1.76 -1.42
N ASP A 189 0.87 1.29 -0.73
CA ASP A 189 0.84 0.00 -0.08
C ASP A 189 1.28 0.16 1.35
N PHE A 190 0.70 1.16 2.01
CA PHE A 190 1.10 1.47 3.37
C PHE A 190 0.33 0.58 4.33
N HIS A 191 0.95 -0.55 4.67
CA HIS A 191 0.40 -1.46 5.69
C HIS A 191 1.51 -2.27 6.33
N ALA A 192 1.17 -2.93 7.44
CA ALA A 192 2.12 -3.55 8.36
C ALA A 192 3.16 -4.46 7.70
N GLN A 193 2.76 -5.14 6.64
CA GLN A 193 3.65 -6.05 5.90
C GLN A 193 4.81 -5.37 5.17
N ASN A 194 4.65 -4.08 4.84
CA ASN A 194 5.71 -3.31 4.17
C ASN A 194 6.44 -2.36 5.12
N LEU A 195 6.25 -2.58 6.42
CA LEU A 195 6.93 -1.75 7.42
C LEU A 195 7.86 -2.62 8.26
N LEU A 196 9.01 -2.05 8.64
CA LEU A 196 10.06 -2.77 9.31
C LEU A 196 10.50 -2.01 10.54
N TRP A 197 10.57 -2.70 11.68
CA TRP A 197 10.95 -2.07 12.92
C TRP A 197 12.48 -1.96 13.07
N LEU A 198 12.94 -0.76 13.36
CA LEU A 198 14.36 -0.43 13.51
C LEU A 198 14.58 0.23 14.89
N PRO A 199 14.56 -0.59 15.97
CA PRO A 199 14.49 -0.13 17.34
C PRO A 199 15.69 0.67 17.83
N GLU A 200 16.83 0.65 17.13
CA GLU A 200 17.98 1.49 17.49
C GLU A 200 17.82 2.95 17.06
N ARG A 201 16.82 3.24 16.22
CA ARG A 201 16.64 4.59 15.71
C ARG A 201 15.72 5.39 16.65
N GLU A 202 15.52 6.66 16.34
CA GLU A 202 14.72 7.55 17.20
C GLU A 202 13.38 7.88 16.56
N GLY A 203 12.31 7.79 17.35
CA GLY A 203 10.98 8.19 16.94
C GLY A 203 10.50 7.52 15.66
N LEU A 204 9.92 8.32 14.77
CA LEU A 204 9.35 7.80 13.52
C LEU A 204 10.40 7.18 12.57
N ALA A 205 11.68 7.50 12.81
CA ALA A 205 12.80 6.88 12.08
C ALA A 205 12.92 5.37 12.32
N ARG A 206 12.28 4.88 13.38
CA ARG A 206 12.21 3.45 13.68
C ARG A 206 11.31 2.69 12.71
N VAL A 207 10.54 3.40 11.90
CA VAL A 207 9.67 2.78 10.92
C VAL A 207 10.35 2.73 9.56
N GLY A 208 10.94 1.57 9.27
CA GLY A 208 11.55 1.31 7.99
C GLY A 208 10.44 1.08 6.97
N VAL A 209 10.63 1.63 5.79
CA VAL A 209 9.61 1.59 4.74
C VAL A 209 10.22 1.11 3.43
N ILE A 210 9.50 0.18 2.81
CA ILE A 210 9.84 -0.36 1.50
C ILE A 210 8.60 -0.30 0.59
N ASP A 211 8.78 -0.56 -0.70
CA ASP A 211 7.65 -0.66 -1.62
C ASP A 211 6.92 0.70 -1.81
N PHE A 212 7.70 1.76 -1.91
CA PHE A 212 7.21 3.14 -2.06
C PHE A 212 7.40 3.63 -3.49
N GLN A 213 7.98 2.78 -4.33
CA GLN A 213 8.49 3.20 -5.64
C GLN A 213 7.43 3.62 -6.66
N ASP A 214 6.20 3.16 -6.54
CA ASP A 214 5.12 3.63 -7.42
C ASP A 214 4.23 4.63 -6.67
N ALA A 215 4.79 5.31 -5.68
CA ALA A 215 4.11 6.40 -4.98
C ALA A 215 3.45 7.37 -5.93
N LYS A 216 2.41 8.02 -5.43
CA LYS A 216 1.65 9.03 -6.16
C LYS A 216 1.36 10.18 -5.22
N LEU A 217 0.69 11.20 -5.74
CA LEU A 217 0.07 12.23 -4.91
C LEU A 217 -1.41 11.87 -4.72
N GLY A 218 -1.91 12.08 -3.52
CA GLY A 218 -3.28 11.77 -3.18
C GLY A 218 -3.67 12.36 -1.84
N HIS A 219 -4.79 11.88 -1.29
CA HIS A 219 -5.37 12.46 -0.09
C HIS A 219 -4.65 11.99 1.17
N ARG A 220 -4.67 12.83 2.20
CA ARG A 220 -4.15 12.47 3.52
C ARG A 220 -4.67 11.17 4.12
N ALA A 221 -5.89 10.75 3.78
CA ALA A 221 -6.49 9.54 4.38
C ALA A 221 -6.12 8.24 3.65
N TYR A 222 -5.57 8.35 2.45
CA TYR A 222 -5.29 7.20 1.59
C TYR A 222 -4.41 6.14 2.25
N ASP A 223 -3.23 6.54 2.73
CA ASP A 223 -2.31 5.59 3.42
C ASP A 223 -2.82 5.18 4.81
N LEU A 224 -3.62 6.04 5.43
CA LEU A 224 -4.19 5.73 6.74
C LEU A 224 -5.28 4.64 6.64
N VAL A 225 -6.08 4.68 5.59
CA VAL A 225 -7.05 3.61 5.32
C VAL A 225 -6.35 2.26 5.11
N SER A 226 -5.32 2.22 4.27
CA SER A 226 -4.61 0.97 4.03
C SER A 226 -3.99 0.39 5.31
N LEU A 227 -3.51 1.28 6.19
CA LEU A 227 -2.89 0.87 7.42
C LEU A 227 -3.89 0.30 8.42
N LEU A 228 -5.00 1.03 8.58
CA LEU A 228 -5.96 0.77 9.64
C LEU A 228 -7.07 -0.22 9.23
N GLN A 229 -7.44 -0.26 7.95
CA GLN A 229 -8.41 -1.24 7.48
C GLN A 229 -7.75 -2.37 6.72
N ASP A 230 -6.44 -2.47 6.88
CA ASP A 230 -5.62 -3.54 6.37
C ASP A 230 -6.37 -4.86 6.29
N ALA A 231 -6.63 -5.29 5.05
CA ALA A 231 -7.49 -6.44 4.77
C ALA A 231 -6.83 -7.78 5.11
N ARG A 232 -5.52 -7.79 5.26
CA ARG A 232 -4.73 -9.00 5.52
C ARG A 232 -4.59 -9.26 7.02
N ARG A 233 -5.09 -8.35 7.85
CA ARG A 233 -4.97 -8.49 9.29
CA ARG A 233 -4.92 -8.38 9.30
C ARG A 233 -6.22 -8.02 9.99
N ASP A 234 -6.38 -8.49 11.21
CA ASP A 234 -7.51 -8.11 12.03
C ASP A 234 -7.06 -6.95 12.93
N VAL A 235 -7.10 -5.74 12.38
CA VAL A 235 -6.75 -4.55 13.14
C VAL A 235 -7.94 -4.20 14.06
N PRO A 236 -7.74 -4.25 15.38
CA PRO A 236 -8.85 -3.95 16.28
C PRO A 236 -9.48 -2.59 16.01
N ALA A 237 -10.81 -2.52 16.15
CA ALA A 237 -11.56 -1.28 15.99
C ALA A 237 -11.01 -0.11 16.83
N GLN A 238 -10.45 -0.43 18.00
CA GLN A 238 -9.90 0.58 18.90
C GLN A 238 -8.57 1.13 18.39
N VAL A 239 -7.85 0.34 17.59
CA VAL A 239 -6.61 0.81 16.99
C VAL A 239 -6.97 1.82 15.91
N GLU A 240 -7.91 1.46 15.03
CA GLU A 240 -8.37 2.38 14.00
C GLU A 240 -8.95 3.66 14.59
N ALA A 241 -9.88 3.53 15.55
CA ALA A 241 -10.48 4.70 16.21
C ALA A 241 -9.43 5.64 16.78
N GLN A 242 -8.51 5.10 17.59
CA GLN A 242 -7.54 5.93 18.30
C GLN A 242 -6.50 6.53 17.36
N ILE A 244 -7.01 7.36 14.13
CA ILE A 244 -7.70 8.45 13.43
C ILE A 244 -7.75 9.69 14.32
N ASP A 245 -8.12 9.51 15.61
CA ASP A 245 -8.09 10.61 16.59
C ASP A 245 -6.71 11.28 16.65
N HIS A 246 -5.69 10.45 16.83
CA HIS A 246 -4.32 10.93 16.91
C HIS A 246 -3.91 11.67 15.63
N TYR A 247 -4.21 11.11 14.47
CA TYR A 247 -3.88 11.79 13.23
C TYR A 247 -4.56 13.17 13.19
N ILE A 248 -5.85 13.22 13.54
CA ILE A 248 -6.60 14.48 13.51
C ILE A 248 -6.04 15.49 14.50
N GLN A 249 -5.81 15.06 15.73
CA GLN A 249 -5.23 15.90 16.78
C GLN A 249 -3.83 16.45 16.40
N ALA A 250 -2.96 15.59 15.86
CA ALA A 250 -1.57 15.97 15.55
C ALA A 250 -1.44 16.91 14.34
N THR A 251 -2.31 16.75 13.34
CA THR A 251 -2.22 17.52 12.09
C THR A 251 -3.02 18.81 12.14
N GLY A 252 -4.05 18.81 12.98
CA GLY A 252 -4.95 19.95 13.09
C GLY A 252 -5.92 20.06 11.93
N VAL A 253 -6.16 18.96 11.19
CA VAL A 253 -7.07 18.99 10.05
C VAL A 253 -8.48 19.09 10.57
N ASP A 254 -9.39 19.70 9.80
CA ASP A 254 -10.79 19.70 10.21
C ASP A 254 -11.31 18.27 10.33
N GLU A 255 -11.90 17.99 11.48
CA GLU A 255 -12.28 16.64 11.85
C GLU A 255 -13.40 16.07 11.00
N SER A 256 -14.48 16.82 10.87
CA SER A 256 -15.64 16.31 10.13
C SER A 256 -15.27 16.01 8.69
N HIS A 257 -14.43 16.85 8.09
CA HIS A 257 -14.03 16.71 6.69
C HIS A 257 -13.07 15.53 6.49
N PHE A 258 -12.13 15.37 7.42
CA PHE A 258 -11.23 14.24 7.35
C PHE A 258 -11.98 12.93 7.52
N ARG A 259 -12.90 12.90 8.49
CA ARG A 259 -13.67 11.69 8.73
C ARG A 259 -14.47 11.31 7.51
N SER A 260 -15.07 12.30 6.84
CA SER A 260 -15.87 12.06 5.63
C SER A 260 -14.98 11.60 4.48
N ALA A 261 -13.82 12.25 4.33
CA ALA A 261 -12.86 11.82 3.31
C ALA A 261 -12.40 10.39 3.57
N TYR A 262 -12.11 10.08 4.84
CA TYR A 262 -11.68 8.74 5.24
C TYR A 262 -12.72 7.69 4.86
N ALA A 263 -14.00 8.00 5.07
CA ALA A 263 -15.08 7.05 4.76
C ALA A 263 -15.21 6.79 3.24
N VAL A 264 -15.18 7.84 2.42
CA VAL A 264 -15.29 7.65 0.98
C VAL A 264 -14.05 6.95 0.43
N ILE A 265 -12.88 7.26 0.99
CA ILE A 265 -11.65 6.60 0.59
C ILE A 265 -11.66 5.12 1.01
N ALA A 266 -12.24 4.80 2.17
CA ALA A 266 -12.34 3.41 2.59
C ALA A 266 -13.21 2.60 1.65
N VAL A 267 -14.30 3.20 1.18
CA VAL A 267 -15.12 2.57 0.12
C VAL A 267 -14.29 2.36 -1.13
N GLN A 268 -13.55 3.38 -1.55
CA GLN A 268 -12.76 3.28 -2.77
C GLN A 268 -11.74 2.15 -2.68
N ARG A 269 -11.00 2.12 -1.58
CA ARG A 269 -9.88 1.18 -1.48
C ARG A 269 -10.37 -0.23 -1.28
N ASN A 270 -11.41 -0.43 -0.49
CA ASN A 270 -11.94 -1.78 -0.30
C ASN A 270 -12.62 -2.35 -1.55
N ARG A 272 -11.84 -1.63 -4.71
CA ARG A 272 -10.75 -2.01 -5.60
C ARG A 272 -10.04 -3.30 -5.16
N ILE A 273 -9.85 -3.46 -3.86
CA ILE A 273 -9.14 -4.63 -3.38
C ILE A 273 -9.96 -5.93 -3.50
N LEU A 274 -11.29 -5.84 -3.49
CA LEU A 274 -12.13 -6.96 -3.92
C LEU A 274 -11.60 -7.49 -5.25
N GLY A 275 -11.40 -6.58 -6.19
CA GLY A 275 -10.88 -6.96 -7.50
C GLY A 275 -9.44 -7.44 -7.49
N ILE A 276 -8.60 -6.73 -6.76
CA ILE A 276 -7.22 -7.14 -6.63
C ILE A 276 -7.11 -8.56 -6.10
N PHE A 277 -7.86 -8.86 -5.05
CA PHE A 277 -7.81 -10.21 -4.47
C PHE A 277 -8.45 -11.29 -5.37
N ALA A 278 -9.57 -10.96 -6.00
CA ALA A 278 -10.18 -11.86 -6.99
C ALA A 278 -9.15 -12.27 -8.06
N ARG A 279 -8.43 -11.28 -8.59
CA ARG A 279 -7.43 -11.51 -9.63
C ARG A 279 -6.19 -12.25 -9.11
N LEU A 280 -5.78 -11.98 -7.88
CA LEU A 280 -4.68 -12.76 -7.26
C LEU A 280 -5.03 -14.24 -7.24
N SER A 281 -6.28 -14.56 -6.93
CA SER A 281 -6.73 -15.95 -6.94
C SER A 281 -6.90 -16.49 -8.37
N GLN A 282 -7.67 -15.79 -9.20
CA GLN A 282 -8.04 -16.32 -10.51
C GLN A 282 -6.89 -16.33 -11.51
N ARG A 283 -6.09 -15.27 -11.51
CA ARG A 283 -4.97 -15.20 -12.45
C ARG A 283 -3.64 -15.70 -11.86
N PHE A 284 -3.39 -15.41 -10.59
CA PHE A 284 -2.10 -15.76 -9.99
C PHE A 284 -2.11 -16.92 -9.02
N GLY A 285 -3.22 -17.68 -8.98
CA GLY A 285 -3.30 -18.92 -8.25
C GLY A 285 -3.24 -18.84 -6.73
N LYS A 286 -3.38 -17.63 -6.19
CA LYS A 286 -3.27 -17.41 -4.77
C LYS A 286 -4.64 -17.39 -4.13
N ARG A 287 -5.19 -18.56 -3.86
CA ARG A 287 -6.53 -18.63 -3.31
C ARG A 287 -6.66 -18.09 -1.86
N HIS A 288 -5.54 -17.94 -1.14
CA HIS A 288 -5.58 -17.54 0.27
C HIS A 288 -6.07 -16.10 0.47
N TYR A 289 -5.89 -15.25 -0.53
CA TYR A 289 -6.41 -13.87 -0.47
C TYR A 289 -7.93 -13.85 -0.39
N ILE A 290 -8.57 -14.91 -0.86
CA ILE A 290 -10.04 -14.97 -0.81
C ILE A 290 -10.52 -15.05 0.63
N GLU A 291 -9.69 -15.56 1.55
CA GLU A 291 -10.07 -15.60 2.97
CA GLU A 291 -10.06 -15.61 2.97
C GLU A 291 -10.17 -14.19 3.56
N PHE A 292 -9.56 -13.21 2.90
CA PHE A 292 -9.61 -11.80 3.33
C PHE A 292 -10.86 -11.06 2.80
N VAL A 293 -11.56 -11.63 1.81
CA VAL A 293 -12.70 -10.97 1.16
C VAL A 293 -13.87 -10.60 2.10
N PRO A 294 -14.25 -11.49 3.03
CA PRO A 294 -15.29 -11.13 3.99
C PRO A 294 -14.97 -9.88 4.85
N ARG A 295 -13.73 -9.76 5.32
CA ARG A 295 -13.25 -8.55 5.99
C ARG A 295 -13.31 -7.32 5.09
N VAL A 296 -12.85 -7.45 3.85
CA VAL A 296 -12.90 -6.36 2.89
C VAL A 296 -14.34 -5.95 2.63
N TRP A 297 -15.21 -6.93 2.43
CA TRP A 297 -16.62 -6.68 2.14
C TRP A 297 -17.32 -5.93 3.29
N ALA A 298 -16.99 -6.33 4.52
CA ALA A 298 -17.52 -5.67 5.72
C ALA A 298 -17.13 -4.20 5.81
N HIS A 299 -15.86 -3.90 5.53
CA HIS A 299 -15.38 -2.50 5.53
C HIS A 299 -16.05 -1.67 4.41
N PHE A 300 -16.23 -2.31 3.26
CA PHE A 300 -16.93 -1.72 2.10
C PHE A 300 -18.37 -1.33 2.45
N GLU A 301 -19.09 -2.29 3.02
CA GLU A 301 -20.48 -2.11 3.46
C GLU A 301 -20.65 -1.06 4.55
N ARG A 302 -19.70 -1.03 5.49
CA ARG A 302 -19.66 -0.02 6.54
C ARG A 302 -19.57 1.35 5.88
N GLY A 303 -18.57 1.54 5.03
CA GLY A 303 -18.39 2.82 4.34
C GLY A 303 -19.55 3.28 3.49
N LEU A 304 -20.27 2.34 2.87
CA LEU A 304 -21.42 2.68 2.04
C LEU A 304 -22.62 3.13 2.87
N ALA A 305 -22.55 2.89 4.19
CA ALA A 305 -23.52 3.41 5.14
C ALA A 305 -23.22 4.86 5.56
N HIS A 306 -22.08 5.42 5.16
CA HIS A 306 -21.80 6.83 5.45
C HIS A 306 -22.75 7.71 4.60
N PRO A 307 -23.31 8.78 5.19
CA PRO A 307 -24.25 9.62 4.44
C PRO A 307 -23.70 10.23 3.14
N ALA A 308 -22.38 10.45 3.07
CA ALA A 308 -21.70 10.90 1.85
C ALA A 308 -21.90 9.96 0.67
N LEU A 309 -22.14 8.67 0.97
CA LEU A 309 -22.26 7.62 -0.07
C LEU A 309 -23.71 7.30 -0.45
N ALA A 310 -24.66 8.04 0.12
CA ALA A 310 -26.10 7.73 0.02
C ALA A 310 -26.62 7.58 -1.40
N SER A 311 -26.11 8.39 -2.34
CA SER A 311 -26.59 8.33 -3.73
C SER A 311 -26.05 7.14 -4.51
N ALA A 312 -24.97 6.52 -4.04
CA ALA A 312 -24.33 5.41 -4.74
C ALA A 312 -24.59 4.05 -4.08
N ALA A 313 -24.85 4.05 -2.78
CA ALA A 313 -24.85 2.83 -1.96
C ALA A 313 -25.76 1.68 -2.41
N GLU A 314 -27.03 1.98 -2.62
CA GLU A 314 -28.02 0.93 -2.90
C GLU A 314 -27.78 0.33 -4.29
N GLU A 315 -27.38 1.17 -5.25
CA GLU A 315 -27.14 0.71 -6.62
C GLU A 315 -25.87 -0.15 -6.72
N ILE A 316 -24.80 0.24 -6.03
CA ILE A 316 -23.57 -0.57 -6.04
C ILE A 316 -23.77 -1.91 -5.33
N LEU A 317 -24.51 -1.92 -4.23
CA LEU A 317 -24.76 -3.16 -3.47
C LEU A 317 -25.61 -4.14 -4.28
N ASN A 318 -26.51 -3.62 -5.08
CA ASN A 318 -27.27 -4.45 -6.00
C ASN A 318 -26.42 -5.05 -7.13
N ALA A 319 -25.33 -4.39 -7.47
CA ALA A 319 -24.49 -4.79 -8.62
C ALA A 319 -23.35 -5.74 -8.25
N LEU A 320 -22.98 -5.83 -6.97
CA LEU A 320 -21.84 -6.66 -6.56
C LEU A 320 -22.30 -7.77 -5.63
N PRO A 321 -21.91 -9.02 -5.90
CA PRO A 321 -22.37 -10.11 -5.05
C PRO A 321 -21.67 -10.18 -3.70
N ALA A 322 -22.47 -10.35 -2.65
CA ALA A 322 -21.95 -10.58 -1.30
C ALA A 322 -21.14 -11.90 -1.29
N PRO A 323 -20.06 -11.95 -0.49
CA PRO A 323 -19.18 -13.11 -0.49
C PRO A 323 -19.74 -14.27 0.34
N ALA A 324 -20.84 -14.85 -0.12
CA ALA A 324 -21.40 -16.07 0.51
C ALA A 324 -20.42 -17.23 0.31
N PRO A 325 -20.59 -18.34 1.04
CA PRO A 325 -19.61 -19.45 0.92
C PRO A 325 -19.40 -20.00 -0.51
N GLU A 326 -20.46 -20.05 -1.29
CA GLU A 326 -20.39 -20.49 -2.69
C GLU A 326 -19.66 -19.48 -3.59
N VAL A 327 -19.77 -18.19 -3.25
CA VAL A 327 -19.06 -17.12 -3.97
C VAL A 327 -17.56 -17.21 -3.70
N LEU A 328 -17.19 -17.45 -2.44
CA LEU A 328 -15.79 -17.62 -2.06
C LEU A 328 -15.17 -18.83 -2.76
N GLU A 329 -15.90 -19.94 -2.81
CA GLU A 329 -15.41 -21.13 -3.51
C GLU A 329 -15.19 -20.87 -5.00
N ARG A 330 -16.13 -20.22 -5.67
CA ARG A 330 -15.96 -19.82 -7.07
C ARG A 330 -14.79 -18.83 -7.26
N LEU A 331 -14.53 -17.98 -6.27
CA LEU A 331 -13.34 -17.15 -6.28
C LEU A 331 -12.04 -17.94 -6.12
N ARG A 332 -12.07 -19.06 -5.39
CA ARG A 332 -10.86 -19.85 -5.12
C ARG A 332 -10.49 -20.84 -6.23
N ALA A 333 -11.50 -21.39 -6.89
CA ALA A 333 -11.34 -22.54 -7.74
C ALA A 333 -10.64 -22.23 -9.07
#